data_6A54
#
_entry.id   6A54
#
_cell.length_a   35.142
_cell.length_b   57.378
_cell.length_c   55.377
_cell.angle_alpha   90.00
_cell.angle_beta   94.09
_cell.angle_gamma   90.00
#
_symmetry.space_group_name_H-M   'P 1 21 1'
#
loop_
_entity.id
_entity.type
_entity.pdbx_description
1 polymer 'Novel protein with potential Cupin domain'
2 non-polymer 'MANGANESE (II) ION'
3 water water
#
_entity_poly.entity_id   1
_entity_poly.type   'polypeptide(L)'
_entity_poly.pdbx_seq_one_letter_code
;MIFVKNLASVLSQEWSSTEKYPGVRWKFLIDADFDGSSGLSLGFAEIAPGGDLTLHYHSPAEIAVVTNGKGILNKSGKLE
TIKKGDVVYIAGNAEHALKNNGKETLEFYWIFPTDRFSEVEYFPAKQKSGHHHHHH
;
_entity_poly.pdbx_strand_id   A,B
#
loop_
_chem_comp.id
_chem_comp.type
_chem_comp.name
_chem_comp.formula
MN non-polymer 'MANGANESE (II) ION' 'Mn 2'
#
# COMPACT_ATOMS: atom_id res chain seq x y z
N MET A 1 12.82 12.16 6.88
CA MET A 1 13.27 11.18 5.90
C MET A 1 12.15 10.76 4.95
N ILE A 2 12.36 11.03 3.67
CA ILE A 2 11.39 10.66 2.65
C ILE A 2 12.14 10.16 1.42
N PHE A 3 11.62 9.13 0.77
CA PHE A 3 12.22 8.66 -0.47
C PHE A 3 11.24 7.96 -1.40
N VAL A 4 11.65 7.76 -2.63
CA VAL A 4 10.77 7.18 -3.64
C VAL A 4 11.40 5.95 -4.25
N LYS A 5 10.59 4.93 -4.51
CA LYS A 5 11.07 3.70 -5.12
C LYS A 5 10.12 3.21 -6.19
N ASN A 6 10.66 2.56 -7.19
CA ASN A 6 9.87 1.75 -8.09
C ASN A 6 10.68 0.51 -8.37
N LEU A 7 10.13 -0.39 -9.16
CA LEU A 7 10.85 -1.60 -9.52
C LEU A 7 12.26 -1.34 -10.05
N ALA A 8 12.39 -0.37 -10.94
CA ALA A 8 13.69 -0.07 -11.56
C ALA A 8 14.72 0.29 -10.49
N SER A 9 14.25 0.84 -9.39
CA SER A 9 15.13 1.25 -8.31
C SER A 9 15.91 0.05 -7.76
N VAL A 10 15.32 -1.14 -7.88
CA VAL A 10 15.84 -2.30 -7.20
C VAL A 10 16.20 -3.39 -8.17
N LEU A 11 16.58 -2.98 -9.38
CA LEU A 11 17.13 -3.90 -10.36
C LEU A 11 18.36 -4.61 -9.79
N SER A 12 19.11 -3.91 -8.96
CA SER A 12 20.34 -4.46 -8.40
C SER A 12 20.06 -5.51 -7.31
N GLN A 13 18.86 -5.45 -6.72
CA GLN A 13 18.47 -6.44 -5.72
C GLN A 13 17.95 -7.74 -6.34
N GLU A 14 18.64 -8.85 -6.10
CA GLU A 14 18.14 -10.13 -6.60
C GLU A 14 16.83 -10.51 -5.90
N TRP A 15 16.00 -11.29 -6.59
CA TRP A 15 14.68 -11.69 -6.08
C TRP A 15 14.83 -12.64 -4.90
N SER A 16 13.89 -12.54 -3.96
CA SER A 16 13.76 -13.55 -2.92
C SER A 16 12.73 -14.58 -3.34
N SER A 17 12.88 -15.80 -2.84
CA SER A 17 11.95 -16.87 -3.14
C SER A 17 12.17 -18.04 -2.18
N THR A 18 11.28 -19.03 -2.27
CA THR A 18 11.34 -20.18 -1.38
C THR A 18 10.50 -21.34 -1.91
N GLU A 19 11.03 -22.54 -1.76
CA GLU A 19 10.36 -23.76 -2.18
C GLU A 19 8.88 -23.75 -1.82
N LYS A 20 8.55 -23.22 -0.64
CA LYS A 20 7.16 -23.23 -0.19
C LYS A 20 6.22 -22.34 -1.00
N TYR A 21 6.76 -21.29 -1.62
CA TYR A 21 5.96 -20.45 -2.51
C TYR A 21 6.41 -20.54 -3.98
N PRO A 22 6.09 -21.66 -4.61
CA PRO A 22 6.54 -21.90 -5.98
C PRO A 22 5.85 -20.94 -6.94
N GLY A 23 6.61 -20.42 -7.88
CA GLY A 23 6.11 -19.46 -8.84
C GLY A 23 6.03 -18.05 -8.27
N VAL A 24 6.43 -17.90 -7.01
CA VAL A 24 6.39 -16.62 -6.30
C VAL A 24 7.78 -16.02 -6.14
N ARG A 25 7.91 -14.72 -6.41
CA ARG A 25 9.15 -14.01 -6.11
C ARG A 25 8.90 -12.59 -5.58
N TRP A 26 9.86 -12.05 -4.83
CA TRP A 26 9.66 -10.74 -4.26
C TRP A 26 10.95 -9.95 -3.99
N LYS A 27 10.80 -8.63 -3.95
CA LYS A 27 11.87 -7.72 -3.57
C LYS A 27 11.33 -6.72 -2.58
N PHE A 28 12.22 -6.20 -1.74
CA PHE A 28 11.85 -5.23 -0.73
C PHE A 28 12.12 -3.81 -1.22
N LEU A 29 11.13 -2.94 -1.07
CA LEU A 29 11.27 -1.58 -1.56
C LEU A 29 11.34 -0.56 -0.42
N ILE A 30 10.63 -0.86 0.66
CA ILE A 30 10.63 -0.03 1.84
C ILE A 30 10.84 -0.98 3.01
N ASP A 31 12.02 -0.92 3.62
CA ASP A 31 12.41 -1.88 4.65
C ASP A 31 13.58 -1.36 5.47
N ALA A 32 13.53 -1.58 6.77
CA ALA A 32 14.58 -1.09 7.66
C ALA A 32 15.97 -1.61 7.32
N ASP A 33 16.08 -2.87 6.89
CA ASP A 33 17.36 -3.45 6.50
C ASP A 33 17.99 -2.77 5.28
N PHE A 34 17.17 -2.06 4.51
CA PHE A 34 17.60 -1.54 3.21
C PHE A 34 17.66 -0.02 3.22
N ASP A 35 16.69 0.59 3.88
CA ASP A 35 16.44 2.01 3.73
C ASP A 35 16.57 2.81 5.02
N GLY A 36 16.53 2.12 6.16
CA GLY A 36 16.57 2.79 7.44
C GLY A 36 15.26 3.49 7.79
N SER A 37 14.19 3.03 7.16
CA SER A 37 12.85 3.49 7.47
C SER A 37 12.29 2.71 8.64
N SER A 38 11.15 3.15 9.16
CA SER A 38 10.54 2.48 10.30
C SER A 38 9.02 2.59 10.27
N GLY A 39 8.36 1.83 11.14
CA GLY A 39 6.90 1.92 11.28
C GLY A 39 6.10 1.19 10.23
N LEU A 40 6.52 1.27 8.97
CA LEU A 40 5.83 0.55 7.90
C LEU A 40 6.85 -0.05 6.97
N SER A 41 6.51 -1.18 6.38
CA SER A 41 7.41 -1.83 5.44
C SER A 41 6.61 -2.35 4.27
N LEU A 42 7.23 -2.37 3.11
CA LEU A 42 6.54 -2.68 1.88
C LEU A 42 7.42 -3.47 0.91
N GLY A 43 6.84 -4.51 0.34
CA GLY A 43 7.53 -5.26 -0.68
C GLY A 43 6.66 -5.44 -1.91
N PHE A 44 7.32 -5.83 -3.00
CA PHE A 44 6.62 -6.11 -4.24
C PHE A 44 6.80 -7.58 -4.63
N ALA A 45 5.69 -8.24 -4.90
CA ALA A 45 5.70 -9.66 -5.19
C ALA A 45 5.16 -9.96 -6.59
N GLU A 46 5.65 -11.05 -7.17
CA GLU A 46 5.13 -11.59 -8.40
C GLU A 46 4.76 -13.04 -8.17
N ILE A 47 3.56 -13.39 -8.62
CA ILE A 47 3.15 -14.78 -8.70
C ILE A 47 3.00 -15.14 -10.17
N ALA A 48 3.87 -16.03 -10.62
CA ALA A 48 3.84 -16.49 -12.00
C ALA A 48 2.54 -17.22 -12.27
N PRO A 49 2.18 -17.34 -13.55
CA PRO A 49 1.00 -18.15 -13.87
C PRO A 49 1.21 -19.55 -13.30
N GLY A 50 0.19 -20.10 -12.63
CA GLY A 50 0.30 -21.41 -12.03
C GLY A 50 0.92 -21.37 -10.64
N GLY A 51 1.19 -20.16 -10.16
CA GLY A 51 1.94 -19.97 -8.94
C GLY A 51 1.07 -19.83 -7.69
N ASP A 52 1.68 -20.02 -6.53
CA ASP A 52 0.91 -20.16 -5.31
C ASP A 52 1.59 -19.64 -4.06
N LEU A 53 1.10 -18.50 -3.58
CA LEU A 53 1.42 -18.06 -2.24
C LEU A 53 0.59 -18.90 -1.26
N THR A 54 1.16 -20.00 -0.80
CA THR A 54 0.38 -21.00 -0.08
C THR A 54 -0.11 -20.56 1.31
N LEU A 55 -1.20 -21.18 1.75
CA LEU A 55 -1.88 -20.80 3.00
C LEU A 55 -0.92 -20.58 4.18
N HIS A 56 -0.92 -19.37 4.72
CA HIS A 56 -0.08 -19.05 5.87
C HIS A 56 -0.69 -17.94 6.70
N TYR A 57 -0.04 -17.62 7.82
CA TYR A 57 -0.43 -16.49 8.63
C TYR A 57 0.77 -15.95 9.34
N HIS A 58 0.55 -14.84 10.02
CA HIS A 58 1.57 -14.23 10.83
C HIS A 58 0.88 -13.22 11.73
N SER A 59 1.62 -12.71 12.70
CA SER A 59 1.02 -11.97 13.79
C SER A 59 0.54 -10.57 13.42
N PRO A 60 1.29 -9.87 12.56
CA PRO A 60 0.83 -8.55 12.16
C PRO A 60 -0.26 -8.61 11.09
N ALA A 61 -1.10 -7.57 11.06
CA ALA A 61 -2.01 -7.34 9.97
C ALA A 61 -1.20 -7.08 8.71
N GLU A 62 -1.82 -7.29 7.55
CA GLU A 62 -1.15 -7.02 6.31
C GLU A 62 -2.11 -6.41 5.31
N ILE A 63 -1.59 -5.53 4.47
CA ILE A 63 -2.36 -5.02 3.37
C ILE A 63 -1.64 -5.40 2.10
N ALA A 64 -2.40 -6.00 1.18
CA ALA A 64 -1.98 -6.23 -0.19
C ALA A 64 -2.67 -5.25 -1.16
N VAL A 65 -1.88 -4.65 -2.03
CA VAL A 65 -2.40 -3.83 -3.12
C VAL A 65 -2.05 -4.50 -4.43
N VAL A 66 -3.08 -4.98 -5.13
CA VAL A 66 -2.91 -5.72 -6.38
C VAL A 66 -2.74 -4.72 -7.51
N THR A 67 -1.70 -4.93 -8.32
CA THR A 67 -1.35 -3.98 -9.39
C THR A 67 -1.39 -4.59 -10.80
N ASN A 68 -1.26 -5.90 -10.90
CA ASN A 68 -1.37 -6.53 -12.21
C ASN A 68 -1.97 -7.92 -12.10
N GLY A 69 -2.73 -8.29 -13.13
CA GLY A 69 -3.27 -9.61 -13.24
C GLY A 69 -4.38 -9.88 -12.22
N LYS A 70 -4.60 -11.16 -11.94
CA LYS A 70 -5.72 -11.60 -11.12
C LYS A 70 -5.40 -12.94 -10.46
N GLY A 71 -6.04 -13.21 -9.33
CA GLY A 71 -5.85 -14.47 -8.67
C GLY A 71 -7.03 -14.89 -7.83
N ILE A 72 -6.91 -16.07 -7.25
CA ILE A 72 -7.87 -16.57 -6.29
C ILE A 72 -7.32 -16.33 -4.90
N LEU A 73 -7.92 -15.38 -4.16
CA LEU A 73 -7.52 -15.20 -2.77
C LEU A 73 -8.20 -16.29 -1.95
N ASN A 74 -7.42 -16.96 -1.11
CA ASN A 74 -7.95 -17.92 -0.16
C ASN A 74 -8.14 -17.26 1.20
N LYS A 75 -9.39 -16.92 1.53
CA LYS A 75 -9.68 -16.23 2.77
C LYS A 75 -9.98 -17.21 3.88
N SER A 76 -8.94 -17.82 4.44
CA SER A 76 -9.13 -18.86 5.45
C SER A 76 -10.21 -19.85 5.03
N GLY A 77 -10.12 -20.34 3.80
CA GLY A 77 -11.06 -21.35 3.33
C GLY A 77 -12.19 -20.89 2.45
N LYS A 78 -12.43 -19.58 2.35
CA LYS A 78 -13.40 -19.11 1.35
C LYS A 78 -12.70 -18.37 0.21
N LEU A 79 -12.84 -18.92 -0.98
CA LEU A 79 -12.14 -18.43 -2.16
C LEU A 79 -12.85 -17.24 -2.76
N GLU A 80 -12.08 -16.23 -3.12
CA GLU A 80 -12.62 -15.07 -3.80
C GLU A 80 -11.63 -14.57 -4.87
N THR A 81 -12.15 -14.01 -5.96
CA THR A 81 -11.29 -13.54 -7.04
C THR A 81 -10.80 -12.13 -6.80
N ILE A 82 -9.53 -11.92 -7.00
CA ILE A 82 -8.98 -10.57 -6.91
C ILE A 82 -8.24 -10.20 -8.20
N LYS A 83 -8.02 -8.90 -8.41
CA LYS A 83 -7.41 -8.45 -9.64
C LYS A 83 -6.86 -7.05 -9.47
N LYS A 84 -6.09 -6.60 -10.47
CA LYS A 84 -5.57 -5.25 -10.46
C LYS A 84 -6.61 -4.26 -9.99
N GLY A 85 -6.21 -3.39 -9.06
CA GLY A 85 -7.11 -2.37 -8.53
C GLY A 85 -7.74 -2.73 -7.21
N ASP A 86 -7.51 -3.97 -6.76
CA ASP A 86 -8.02 -4.40 -5.47
C ASP A 86 -6.99 -4.13 -4.39
N VAL A 87 -7.46 -3.74 -3.22
CA VAL A 87 -6.66 -3.84 -2.01
C VAL A 87 -7.28 -4.88 -1.11
N VAL A 88 -6.45 -5.47 -0.27
CA VAL A 88 -6.86 -6.58 0.57
C VAL A 88 -6.37 -6.35 1.99
N TYR A 89 -7.24 -6.65 2.95
CA TYR A 89 -6.86 -6.55 4.35
C TYR A 89 -6.77 -7.94 4.94
N ILE A 90 -5.60 -8.26 5.48
CA ILE A 90 -5.41 -9.55 6.14
C ILE A 90 -5.05 -9.30 7.58
N ALA A 91 -6.02 -9.49 8.47
CA ALA A 91 -5.79 -9.33 9.90
C ALA A 91 -4.76 -10.34 10.39
N GLY A 92 -4.01 -9.96 11.42
CA GLY A 92 -3.02 -10.85 12.00
C GLY A 92 -3.63 -12.17 12.38
N ASN A 93 -2.87 -13.25 12.17
CA ASN A 93 -3.32 -14.61 12.47
C ASN A 93 -4.28 -15.22 11.46
N ALA A 94 -4.88 -14.39 10.61
CA ALA A 94 -5.77 -14.87 9.56
C ALA A 94 -5.03 -15.62 8.47
N GLU A 95 -5.43 -16.85 8.22
CA GLU A 95 -4.82 -17.68 7.19
C GLU A 95 -5.22 -17.22 5.79
N HIS A 96 -4.23 -16.97 4.95
CA HIS A 96 -4.47 -16.53 3.59
C HIS A 96 -3.46 -17.18 2.68
N ALA A 97 -3.95 -17.49 1.48
CA ALA A 97 -3.11 -17.88 0.36
C ALA A 97 -3.59 -17.11 -0.87
N LEU A 98 -2.78 -17.15 -1.92
CA LEU A 98 -3.14 -16.52 -3.16
C LEU A 98 -2.50 -17.30 -4.28
N LYS A 99 -3.33 -17.79 -5.18
CA LYS A 99 -2.90 -18.60 -6.32
C LYS A 99 -3.09 -17.75 -7.58
N ASN A 100 -2.13 -17.83 -8.50
CA ASN A 100 -2.32 -17.22 -9.81
C ASN A 100 -2.72 -18.25 -10.84
N ASN A 101 -4.01 -18.26 -11.14
CA ASN A 101 -4.56 -19.24 -12.07
C ASN A 101 -4.76 -18.64 -13.46
N GLY A 102 -4.26 -17.42 -13.65
CA GLY A 102 -4.36 -16.77 -14.95
C GLY A 102 -3.10 -16.94 -15.78
N LYS A 103 -2.93 -16.12 -16.80
CA LYS A 103 -1.83 -16.30 -17.73
C LYS A 103 -0.94 -15.07 -17.68
N GLU A 104 -1.45 -14.02 -17.04
CA GLU A 104 -0.72 -12.78 -16.81
C GLU A 104 -0.02 -12.91 -15.46
N THR A 105 1.06 -12.16 -15.24
CA THR A 105 1.70 -12.13 -13.92
C THR A 105 0.81 -11.45 -12.89
N LEU A 106 0.55 -12.15 -11.78
CA LEU A 106 -0.16 -11.55 -10.66
C LEU A 106 0.85 -10.77 -9.79
N GLU A 107 0.76 -9.44 -9.85
CA GLU A 107 1.67 -8.55 -9.15
C GLU A 107 0.92 -7.81 -8.08
N PHE A 108 1.59 -7.66 -6.93
CA PHE A 108 1.05 -6.88 -5.81
C PHE A 108 2.13 -6.37 -4.86
N TYR A 109 1.87 -5.23 -4.22
CA TYR A 109 2.66 -4.77 -3.08
C TYR A 109 2.02 -5.29 -1.80
N TRP A 110 2.83 -5.53 -0.79
CA TRP A 110 2.28 -5.77 0.54
C TRP A 110 2.83 -4.75 1.51
N ILE A 111 2.13 -4.59 2.62
CA ILE A 111 2.55 -3.69 3.67
C ILE A 111 2.30 -4.34 5.02
N PHE A 112 3.26 -4.18 5.91
CA PHE A 112 3.16 -4.61 7.29
C PHE A 112 3.41 -3.37 8.20
N PRO A 113 2.76 -3.32 9.38
CA PRO A 113 3.14 -2.29 10.34
C PRO A 113 4.41 -2.70 11.07
N THR A 114 5.51 -2.89 10.34
CA THR A 114 6.78 -3.15 11.00
C THR A 114 7.92 -2.52 10.21
N ASP A 115 9.03 -2.32 10.91
CA ASP A 115 10.24 -1.72 10.34
C ASP A 115 10.82 -2.56 9.21
N ARG A 116 10.70 -3.87 9.33
CA ARG A 116 11.42 -4.79 8.47
C ARG A 116 10.51 -5.94 8.11
N PHE A 117 10.78 -6.54 6.95
CA PHE A 117 10.16 -7.79 6.56
C PHE A 117 10.60 -8.94 7.48
N SER A 118 11.87 -8.90 7.87
CA SER A 118 12.54 -10.05 8.50
C SER A 118 12.09 -10.24 9.92
N GLU A 119 11.46 -9.21 10.47
CA GLU A 119 10.95 -9.30 11.82
C GLU A 119 9.52 -9.83 11.78
N VAL A 120 9.13 -10.37 10.63
CA VAL A 120 7.80 -10.97 10.48
C VAL A 120 7.93 -12.46 10.33
N GLU A 121 7.30 -13.19 11.25
CA GLU A 121 7.50 -14.62 11.40
C GLU A 121 6.36 -15.34 10.73
N TYR A 122 6.68 -16.23 9.80
CA TYR A 122 5.67 -16.92 9.01
C TYR A 122 5.31 -18.26 9.61
N PHE A 123 4.04 -18.63 9.48
CA PHE A 123 3.60 -19.93 9.97
C PHE A 123 2.75 -20.60 8.93
N PRO A 124 2.94 -21.92 8.76
CA PRO A 124 2.12 -22.74 7.86
C PRO A 124 0.76 -23.00 8.48
N ALA A 125 -0.25 -23.21 7.63
CA ALA A 125 -1.62 -23.46 8.04
C ALA A 125 -1.76 -24.51 9.14
N LYS A 126 -2.66 -24.25 10.10
CA LYS A 126 -2.96 -25.20 11.16
C LYS A 126 -3.56 -26.47 10.56
N MET B 1 -10.10 -12.12 10.14
CA MET B 1 -10.88 -11.28 9.24
C MET B 1 -10.06 -10.86 8.01
N ILE B 2 -10.60 -11.16 6.82
CA ILE B 2 -9.95 -10.79 5.56
C ILE B 2 -10.98 -10.21 4.62
N PHE B 3 -10.69 -9.08 3.99
CA PHE B 3 -11.64 -8.55 3.04
C PHE B 3 -10.99 -7.78 1.90
N VAL B 4 -11.75 -7.63 0.83
CA VAL B 4 -11.27 -6.98 -0.38
C VAL B 4 -12.04 -5.70 -0.60
N LYS B 5 -11.37 -4.73 -1.20
CA LYS B 5 -11.99 -3.47 -1.55
C LYS B 5 -11.40 -2.93 -2.83
N ASN B 6 -12.23 -2.18 -3.54
CA ASN B 6 -11.79 -1.41 -4.71
C ASN B 6 -12.73 -0.25 -4.79
N LEU B 7 -12.54 0.60 -5.79
CA LEU B 7 -13.38 1.79 -5.92
C LEU B 7 -14.86 1.49 -5.86
N ALA B 8 -15.27 0.37 -6.44
CA ALA B 8 -16.69 0.03 -6.48
C ALA B 8 -17.25 -0.33 -5.11
N SER B 9 -16.42 -0.94 -4.25
CA SER B 9 -16.85 -1.31 -2.91
C SER B 9 -17.25 -0.09 -2.08
N VAL B 10 -16.81 1.08 -2.51
CA VAL B 10 -17.01 2.28 -1.72
C VAL B 10 -17.73 3.39 -2.49
N LEU B 11 -18.43 3.01 -3.56
CA LEU B 11 -19.26 3.97 -4.27
C LEU B 11 -20.31 4.56 -3.34
N SER B 12 -20.77 3.77 -2.39
CA SER B 12 -21.75 4.23 -1.43
C SER B 12 -21.18 5.35 -0.55
N GLN B 13 -19.89 5.26 -0.23
CA GLN B 13 -19.23 6.29 0.57
C GLN B 13 -18.98 7.56 -0.24
N GLU B 14 -19.06 8.70 0.44
CA GLU B 14 -18.91 9.99 -0.23
C GLU B 14 -17.48 10.47 -0.22
N TRP B 15 -17.08 11.18 -1.27
CA TRP B 15 -15.76 11.81 -1.32
C TRP B 15 -15.64 12.89 -0.24
N SER B 16 -14.88 12.59 0.81
CA SER B 16 -14.55 13.60 1.79
C SER B 16 -13.44 14.48 1.24
N SER B 17 -13.53 15.78 1.49
CA SER B 17 -12.50 16.72 1.08
C SER B 17 -12.44 17.89 2.05
N THR B 18 -11.38 18.71 1.94
CA THR B 18 -11.19 19.86 2.81
C THR B 18 -10.65 21.04 2.01
N GLU B 19 -11.03 22.24 2.42
CA GLU B 19 -10.58 23.43 1.72
C GLU B 19 -9.06 23.59 1.76
N LYS B 20 -8.44 23.09 2.84
CA LYS B 20 -7.00 23.22 3.03
C LYS B 20 -6.17 22.66 1.88
N TYR B 21 -6.66 21.61 1.23
CA TYR B 21 -6.02 21.10 0.02
C TYR B 21 -7.04 20.90 -1.09
N PRO B 22 -7.14 21.88 -1.99
CA PRO B 22 -8.11 21.91 -3.09
C PRO B 22 -7.72 20.98 -4.23
N GLY B 23 -8.73 20.43 -4.91
CA GLY B 23 -8.50 19.47 -5.97
C GLY B 23 -8.27 18.09 -5.40
N VAL B 24 -8.29 18.02 -4.07
CA VAL B 24 -8.01 16.79 -3.37
C VAL B 24 -9.28 16.16 -2.80
N ARG B 25 -9.39 14.85 -2.96
CA ARG B 25 -10.54 14.09 -2.48
C ARG B 25 -10.12 12.63 -2.29
N TRP B 26 -10.68 12.00 -1.27
CA TRP B 26 -10.24 10.68 -0.86
C TRP B 26 -11.40 9.90 -0.29
N LYS B 27 -11.21 8.59 -0.18
CA LYS B 27 -12.14 7.75 0.53
C LYS B 27 -11.40 6.66 1.27
N PHE B 28 -12.03 6.11 2.30
CA PHE B 28 -11.33 5.18 3.16
C PHE B 28 -11.71 3.76 2.79
N LEU B 29 -10.73 2.96 2.39
CA LEU B 29 -10.98 1.59 1.96
CA LEU B 29 -11.01 1.60 1.98
C LEU B 29 -10.74 0.61 3.10
N ILE B 30 -9.76 0.92 3.94
CA ILE B 30 -9.43 0.06 5.06
C ILE B 30 -9.24 0.94 6.29
N ASP B 31 -10.18 0.83 7.23
CA ASP B 31 -10.28 1.76 8.34
C ASP B 31 -11.25 1.24 9.40
N ALA B 32 -10.85 1.29 10.66
CA ALA B 32 -11.70 0.80 11.76
C ALA B 32 -13.08 1.44 11.84
N ASP B 33 -13.19 2.70 11.42
CA ASP B 33 -14.47 3.40 11.40
C ASP B 33 -15.49 2.69 10.51
N PHE B 34 -15.01 1.80 9.66
CA PHE B 34 -15.81 1.25 8.58
C PHE B 34 -15.83 -0.26 8.56
N ASP B 35 -14.70 -0.87 8.90
CA ASP B 35 -14.51 -2.30 8.64
C ASP B 35 -14.21 -3.07 9.91
N GLY B 36 -13.82 -2.38 10.96
CA GLY B 36 -13.44 -3.07 12.18
C GLY B 36 -12.15 -3.81 11.89
N SER B 37 -11.35 -3.20 11.03
CA SER B 37 -9.98 -3.60 10.80
C SER B 37 -9.08 -2.93 11.83
N SER B 38 -7.85 -3.39 11.97
CA SER B 38 -6.87 -2.76 12.87
C SER B 38 -5.45 -3.05 12.44
N GLY B 39 -4.53 -2.16 12.82
CA GLY B 39 -3.12 -2.35 12.57
C GLY B 39 -2.67 -1.55 11.38
N LEU B 40 -3.46 -1.57 10.33
CA LEU B 40 -3.17 -0.80 9.16
C LEU B 40 -4.43 -0.10 8.70
N SER B 41 -4.27 1.09 8.14
CA SER B 41 -5.36 1.80 7.51
C SER B 41 -4.90 2.25 6.13
N LEU B 42 -5.82 2.22 5.18
CA LEU B 42 -5.51 2.60 3.81
C LEU B 42 -6.62 3.49 3.28
N GLY B 43 -6.24 4.51 2.54
CA GLY B 43 -7.22 5.29 1.82
C GLY B 43 -6.81 5.39 0.37
N PHE B 44 -7.74 5.75 -0.50
CA PHE B 44 -7.36 6.03 -1.87
C PHE B 44 -7.61 7.50 -2.11
N ALA B 45 -6.71 8.14 -2.84
CA ALA B 45 -6.84 9.58 -3.02
C ALA B 45 -6.59 10.00 -4.45
N GLU B 46 -7.22 11.12 -4.82
CA GLU B 46 -7.07 11.74 -6.14
C GLU B 46 -6.69 13.20 -5.99
N ILE B 47 -5.76 13.64 -6.82
CA ILE B 47 -5.43 15.05 -6.90
C ILE B 47 -5.74 15.49 -8.32
N ALA B 48 -6.56 16.52 -8.45
CA ALA B 48 -6.89 17.08 -9.76
C ALA B 48 -5.66 17.78 -10.33
N PRO B 49 -5.68 18.04 -11.64
CA PRO B 49 -4.59 18.85 -12.21
C PRO B 49 -4.59 20.23 -11.56
N GLY B 50 -3.41 20.70 -11.18
CA GLY B 50 -3.31 21.96 -10.47
C GLY B 50 -3.64 21.82 -8.99
N GLY B 51 -3.96 20.61 -8.56
CA GLY B 51 -4.28 20.35 -7.18
C GLY B 51 -3.03 20.04 -6.37
N ASP B 52 -3.04 20.39 -5.09
CA ASP B 52 -1.85 20.26 -4.26
C ASP B 52 -2.26 20.10 -2.81
N LEU B 53 -2.13 18.89 -2.28
CA LEU B 53 -2.32 18.73 -0.85
C LEU B 53 -1.10 19.37 -0.19
N THR B 54 -1.34 20.51 0.44
CA THR B 54 -0.27 21.38 0.89
C THR B 54 0.61 20.72 1.96
N LEU B 55 1.86 21.14 2.05
CA LEU B 55 2.79 20.48 2.95
C LEU B 55 2.28 20.46 4.38
N HIS B 56 2.60 19.35 5.07
CA HIS B 56 2.03 19.03 6.37
C HIS B 56 2.78 17.83 6.93
N TYR B 57 2.39 17.38 8.12
CA TYR B 57 3.03 16.25 8.78
C TYR B 57 2.12 15.68 9.86
N HIS B 58 2.46 14.51 10.37
CA HIS B 58 1.66 13.85 11.39
C HIS B 58 2.45 12.68 11.95
N SER B 59 2.23 12.41 13.24
CA SER B 59 2.96 11.37 13.97
C SER B 59 3.28 10.13 13.13
N PRO B 60 2.24 9.49 12.59
CA PRO B 60 2.48 8.16 11.99
C PRO B 60 3.44 8.22 10.80
N ALA B 61 4.16 7.12 10.59
CA ALA B 61 4.85 6.92 9.34
C ALA B 61 3.78 6.72 8.24
N GLU B 62 4.16 6.92 6.99
CA GLU B 62 3.20 6.89 5.91
C GLU B 62 3.78 6.29 4.65
N ILE B 63 3.00 5.46 3.97
CA ILE B 63 3.37 4.95 2.67
C ILE B 63 2.33 5.39 1.63
N ALA B 64 2.84 5.96 0.54
CA ALA B 64 2.00 6.23 -0.63
C ALA B 64 2.42 5.34 -1.77
N VAL B 65 1.45 4.72 -2.42
CA VAL B 65 1.71 4.04 -3.67
C VAL B 65 0.94 4.74 -4.79
N VAL B 66 1.67 5.28 -5.74
CA VAL B 66 1.05 6.04 -6.83
C VAL B 66 0.52 5.10 -7.89
N THR B 67 -0.77 5.22 -8.16
CA THR B 67 -1.48 4.29 -9.03
C THR B 67 -1.72 4.86 -10.43
N ASN B 68 -1.65 6.18 -10.55
CA ASN B 68 -1.98 6.84 -11.81
C ASN B 68 -1.42 8.25 -11.84
N GLY B 69 -1.08 8.71 -13.04
CA GLY B 69 -0.65 10.08 -13.21
C GLY B 69 0.79 10.36 -12.78
N LYS B 70 1.04 11.62 -12.42
CA LYS B 70 2.38 12.09 -12.14
C LYS B 70 2.28 13.30 -11.24
N GLY B 71 3.32 13.57 -10.47
CA GLY B 71 3.29 14.66 -9.52
C GLY B 71 4.65 15.10 -9.05
N ILE B 72 4.64 16.11 -8.18
CA ILE B 72 5.86 16.59 -7.57
C ILE B 72 5.80 16.45 -6.06
N LEU B 73 6.71 15.64 -5.53
CA LEU B 73 6.74 15.35 -4.11
C LEU B 73 7.58 16.40 -3.36
N ASN B 74 7.00 16.96 -2.31
CA ASN B 74 7.75 17.92 -1.49
C ASN B 74 8.46 17.22 -0.32
N LYS B 75 9.67 16.72 -0.59
CA LYS B 75 10.43 16.03 0.44
C LYS B 75 11.08 17.04 1.38
N SER B 76 10.29 17.55 2.32
CA SER B 76 10.73 18.61 3.23
C SER B 76 11.64 19.60 2.52
N GLY B 77 11.13 20.20 1.45
CA GLY B 77 11.88 21.19 0.68
C GLY B 77 12.58 20.63 -0.54
N LYS B 78 12.83 19.32 -0.53
CA LYS B 78 13.51 18.70 -1.66
C LYS B 78 12.50 18.07 -2.58
N LEU B 79 12.41 18.62 -3.79
CA LEU B 79 11.33 18.28 -4.68
C LEU B 79 11.68 17.12 -5.62
N GLU B 80 10.86 16.09 -5.62
CA GLU B 80 11.10 14.98 -6.52
C GLU B 80 9.86 14.63 -7.35
N THR B 81 10.10 14.29 -8.61
CA THR B 81 9.03 13.82 -9.48
C THR B 81 8.66 12.39 -9.12
N ILE B 82 7.37 12.10 -9.12
CA ILE B 82 6.92 10.74 -8.86
C ILE B 82 5.87 10.36 -9.89
N LYS B 83 5.69 9.06 -10.11
CA LYS B 83 4.76 8.62 -11.14
C LYS B 83 4.14 7.27 -10.82
N LYS B 84 3.09 6.94 -11.56
CA LYS B 84 2.48 5.62 -11.51
C LYS B 84 3.57 4.54 -11.33
N GLY B 85 3.38 3.66 -10.36
CA GLY B 85 4.34 2.60 -10.09
C GLY B 85 5.34 2.94 -9.00
N ASP B 86 5.39 4.20 -8.59
CA ASP B 86 6.30 4.60 -7.52
C ASP B 86 5.65 4.38 -6.16
N VAL B 87 6.45 3.90 -5.21
CA VAL B 87 6.06 3.89 -3.80
C VAL B 87 6.86 4.95 -3.07
N VAL B 88 6.31 5.44 -1.96
CA VAL B 88 6.88 6.56 -1.25
C VAL B 88 6.88 6.33 0.24
N TYR B 89 8.08 6.40 0.84
CA TYR B 89 8.18 6.35 2.29
C TYR B 89 8.30 7.75 2.85
N ILE B 90 7.58 7.99 3.93
CA ILE B 90 7.71 9.25 4.66
C ILE B 90 7.65 8.95 6.16
N ALA B 91 8.71 9.30 6.86
CA ALA B 91 8.82 9.03 8.28
C ALA B 91 7.80 9.82 9.10
N GLY B 92 7.58 9.39 10.34
CA GLY B 92 6.73 10.12 11.26
C GLY B 92 7.09 11.60 11.25
N ASN B 93 6.09 12.47 11.15
CA ASN B 93 6.29 13.91 11.30
C ASN B 93 7.17 14.58 10.25
N ALA B 94 7.54 13.84 9.20
CA ALA B 94 8.28 14.46 8.12
C ALA B 94 7.30 15.28 7.31
N GLU B 95 7.64 16.54 7.08
CA GLU B 95 6.74 17.43 6.35
C GLU B 95 6.74 17.04 4.89
N HIS B 96 5.55 16.94 4.31
CA HIS B 96 5.41 16.54 2.92
C HIS B 96 4.21 17.21 2.29
N ALA B 97 4.34 17.52 1.00
CA ALA B 97 3.27 18.05 0.18
C ALA B 97 3.30 17.28 -1.13
N LEU B 98 2.30 17.49 -1.98
CA LEU B 98 2.30 16.85 -3.29
C LEU B 98 1.40 17.58 -4.28
N LYS B 99 2.01 18.07 -5.35
CA LYS B 99 1.31 18.83 -6.36
C LYS B 99 1.18 18.02 -7.64
N ASN B 100 0.00 18.07 -8.26
CA ASN B 100 -0.25 17.42 -9.54
C ASN B 100 0.10 18.35 -10.71
N ASN B 101 1.30 18.17 -11.25
CA ASN B 101 1.74 18.97 -12.39
C ASN B 101 1.41 18.31 -13.73
N GLY B 102 0.53 17.32 -13.71
CA GLY B 102 0.13 16.62 -14.93
C GLY B 102 -1.30 16.86 -15.33
N LYS B 103 -1.69 16.33 -16.49
CA LYS B 103 -3.07 16.47 -16.98
C LYS B 103 -3.96 15.33 -16.50
N GLU B 104 -3.40 14.12 -16.49
CA GLU B 104 -4.09 12.97 -15.90
C GLU B 104 -4.40 13.28 -14.45
N THR B 105 -5.36 12.54 -13.91
CA THR B 105 -5.58 12.60 -12.49
C THR B 105 -4.48 11.83 -11.78
N LEU B 106 -3.77 12.53 -10.89
CA LEU B 106 -2.81 11.89 -10.01
C LEU B 106 -3.56 11.03 -8.97
N GLU B 107 -3.28 9.74 -8.98
CA GLU B 107 -3.97 8.81 -8.09
C GLU B 107 -2.98 8.07 -7.20
N PHE B 108 -3.41 7.75 -5.99
CA PHE B 108 -2.56 6.96 -5.10
C PHE B 108 -3.27 6.44 -3.88
N TYR B 109 -2.69 5.40 -3.31
CA TYR B 109 -3.12 4.89 -2.02
C TYR B 109 -2.20 5.45 -0.95
N TRP B 110 -2.73 5.63 0.25
CA TRP B 110 -1.87 5.84 1.40
C TRP B 110 -2.15 4.78 2.45
N ILE B 111 -1.12 4.48 3.25
CA ILE B 111 -1.24 3.55 4.37
C ILE B 111 -0.66 4.17 5.62
N PHE B 112 -1.36 4.00 6.74
CA PHE B 112 -0.86 4.39 8.05
C PHE B 112 -0.75 3.17 8.94
N PRO B 113 0.24 3.16 9.83
CA PRO B 113 0.28 2.08 10.82
C PRO B 113 -0.72 2.32 11.96
N THR B 114 -1.97 2.67 11.62
CA THR B 114 -3.02 2.93 12.60
C THR B 114 -4.32 2.22 12.25
N ASP B 115 -5.18 2.06 13.24
CA ASP B 115 -6.51 1.49 13.04
C ASP B 115 -7.35 2.32 12.10
N ARG B 116 -7.51 3.60 12.43
CA ARG B 116 -8.34 4.50 11.62
C ARG B 116 -7.57 5.73 11.17
N PHE B 117 -8.15 6.44 10.21
CA PHE B 117 -7.62 7.71 9.74
C PHE B 117 -8.00 8.81 10.73
N SER B 118 -9.13 8.61 11.40
CA SER B 118 -9.77 9.66 12.19
C SER B 118 -9.12 9.89 13.53
N GLU B 119 -7.94 9.30 13.73
CA GLU B 119 -7.20 9.48 14.97
C GLU B 119 -5.85 10.11 14.68
N VAL B 120 -5.45 10.05 13.41
CA VAL B 120 -4.21 10.64 12.95
C VAL B 120 -4.40 12.14 12.80
N GLU B 121 -3.70 12.93 13.60
CA GLU B 121 -3.85 14.38 13.49
C GLU B 121 -2.83 15.05 12.56
N TYR B 122 -3.35 15.79 11.60
CA TYR B 122 -2.53 16.55 10.66
C TYR B 122 -2.18 17.91 11.25
N PHE B 123 -0.90 18.21 11.29
CA PHE B 123 -0.44 19.54 11.68
C PHE B 123 0.07 20.29 10.46
N PRO B 124 -0.18 21.60 10.43
CA PRO B 124 0.35 22.41 9.33
C PRO B 124 1.84 22.62 9.52
N ALA B 125 2.55 22.98 8.46
CA ALA B 125 3.96 23.30 8.59
C ALA B 125 4.14 24.55 9.46
N LYS B 126 5.32 24.70 10.05
CA LYS B 126 5.70 25.95 10.67
C LYS B 126 7.18 26.18 10.39
MN MN C . 1.11 -12.81 4.25
MN MN D . 0.48 12.81 4.87
#